data_3HN1
#
_entry.id   3HN1
#
_cell.length_a   66.970
_cell.length_b   72.680
_cell.length_c   119.440
_cell.angle_alpha   90.00
_cell.angle_beta   90.00
_cell.angle_gamma   90.00
#
_symmetry.space_group_name_H-M   'P 21 21 21'
#
loop_
_entity.id
_entity.type
_entity.pdbx_description
1 polymer 'Tetanus toxin'
2 branched 'N-acetyl-alpha-neuraminic acid-(2-8)-N-acetyl-alpha-neuraminic acid'
3 non-polymer alpha-D-galactopyranose
4 non-polymer 'SULFATE ION'
5 water water
#
_entity_poly.entity_id   1
_entity_poly.type   'polypeptide(L)'
_entity_poly.pdbx_seq_one_letter_code
;NLDCWVDNEEDIDVILKKSTILNLDINNDIISDISGFNSSVITYPDAQLVPGINGKAIHLVNNESSEVIVHKAMDIEYND
MFNNFTVSFWLRVPKVSASHLEQYGTNEYSIISSMKKHSLSIGSGWSVSLKGNNLIWTLKDSAGEVRQITFRDLPDKFNA
YLANKWVFITITNDRLSSANLYINGVLMGSAEITGLGAIREDNNITLKLDRCNNNNQYVSIDKFRIFCKALNPKEIEKLY
TSYLSITFLRDFWGNPLRYDTEYYLIPVASSSKDVQLKNITDYMYLTNAPSYTNGKLNIYYRRLYNGLKFIIKRYTPNNE
IDSFVKSGDFIKLYVSYNNNEHIVGYPKDGNAFNNLDRILRVGYNAPGIPLYKKMEAVKLRDLKTYSVQLKLYDDKNASL
GLVGTHNGQIGNDPNRDILIASNWYFNHLKDKILGCDWYFVPTDEGWTND
;
_entity_poly.pdbx_strand_id   A
#
# COMPACT_ATOMS: atom_id res chain seq x y z
N ASN A 1 27.95 6.68 21.59
CA ASN A 1 27.13 6.16 20.46
C ASN A 1 27.42 4.68 20.16
N LEU A 2 26.36 3.91 19.96
CA LEU A 2 26.49 2.49 19.68
C LEU A 2 26.16 2.08 18.24
N ASP A 3 26.20 3.05 17.33
CA ASP A 3 25.94 2.78 15.92
C ASP A 3 27.21 2.25 15.27
N CYS A 4 27.10 1.75 14.03
CA CYS A 4 28.27 1.21 13.32
C CYS A 4 28.95 2.24 12.41
N TRP A 5 29.69 1.73 11.42
CA TRP A 5 30.43 2.55 10.47
C TRP A 5 31.70 3.10 11.08
N GLU A 10 27.43 13.49 5.72
CA GLU A 10 27.65 12.45 4.69
C GLU A 10 26.36 12.15 3.94
N ASP A 11 26.47 11.42 2.82
CA ASP A 11 25.31 11.11 2.01
C ASP A 11 24.40 10.03 2.63
N ILE A 12 23.12 10.37 2.79
CA ILE A 12 22.16 9.44 3.37
C ILE A 12 22.09 8.11 2.62
N ASP A 13 22.10 8.15 1.29
CA ASP A 13 22.04 6.90 0.54
C ASP A 13 23.23 6.02 0.88
N VAL A 14 24.41 6.63 1.03
CA VAL A 14 25.61 5.88 1.35
C VAL A 14 25.48 5.25 2.73
N ILE A 15 25.00 6.04 3.68
CA ILE A 15 24.82 5.56 5.05
C ILE A 15 23.91 4.33 5.08
N LEU A 16 22.74 4.44 4.44
CA LEU A 16 21.78 3.34 4.40
C LEU A 16 22.41 2.05 3.87
N LYS A 17 23.09 2.16 2.73
CA LYS A 17 23.73 1.00 2.12
C LYS A 17 24.80 0.39 3.02
N LYS A 18 25.72 1.23 3.51
CA LYS A 18 26.79 0.74 4.37
C LYS A 18 26.34 0.16 5.71
N SER A 19 25.24 0.66 6.27
CA SER A 19 24.77 0.16 7.57
C SER A 19 23.84 -1.04 7.47
N THR A 20 23.56 -1.49 6.24
CA THR A 20 22.68 -2.65 6.06
C THR A 20 23.46 -3.92 6.31
N ILE A 21 22.93 -4.80 7.15
CA ILE A 21 23.61 -6.06 7.46
C ILE A 21 22.75 -7.26 7.07
N LEU A 22 21.56 -6.99 6.55
CA LEU A 22 20.63 -8.01 6.10
C LEU A 22 19.60 -7.34 5.19
N ASN A 23 19.44 -7.89 3.99
CA ASN A 23 18.51 -7.33 3.02
C ASN A 23 17.88 -8.44 2.18
N LEU A 24 16.66 -8.81 2.52
CA LEU A 24 15.97 -9.87 1.78
C LEU A 24 15.40 -9.38 0.46
N ASP A 25 15.89 -9.95 -0.63
CA ASP A 25 15.41 -9.59 -1.95
C ASP A 25 14.89 -10.85 -2.64
N ILE A 26 14.05 -10.67 -3.64
CA ILE A 26 13.48 -11.79 -4.35
C ILE A 26 13.66 -11.65 -5.85
N ASN A 27 14.51 -12.51 -6.41
CA ASN A 27 14.77 -12.51 -7.84
C ASN A 27 14.73 -13.97 -8.30
N ASN A 28 14.29 -14.18 -9.53
CA ASN A 28 14.20 -15.53 -10.08
C ASN A 28 13.42 -16.43 -9.14
N ASP A 29 12.42 -15.84 -8.50
CA ASP A 29 11.56 -16.55 -7.56
C ASP A 29 12.31 -17.24 -6.43
N ILE A 30 13.42 -16.65 -6.01
CA ILE A 30 14.21 -17.18 -4.91
C ILE A 30 14.47 -16.05 -3.92
N ILE A 31 14.33 -16.36 -2.63
CA ILE A 31 14.56 -15.39 -1.57
C ILE A 31 16.00 -15.53 -1.08
N SER A 32 16.74 -14.42 -1.05
CA SER A 32 18.13 -14.44 -0.59
C SER A 32 18.56 -13.10 -0.02
N ASP A 33 19.64 -13.13 0.75
CA ASP A 33 20.19 -11.93 1.36
C ASP A 33 21.19 -11.26 0.44
N ILE A 34 20.90 -10.01 0.06
CA ILE A 34 21.80 -9.29 -0.83
C ILE A 34 22.61 -8.20 -0.10
N SER A 35 22.78 -8.37 1.20
CA SER A 35 23.53 -7.40 2.01
C SER A 35 25.03 -7.46 1.73
N GLY A 36 25.53 -8.66 1.48
CA GLY A 36 26.94 -8.83 1.23
C GLY A 36 27.49 -9.83 2.24
N PHE A 37 26.82 -9.93 3.37
CA PHE A 37 27.21 -10.86 4.43
C PHE A 37 26.70 -12.24 4.09
N ASN A 38 25.88 -12.30 3.05
CA ASN A 38 25.32 -13.55 2.56
C ASN A 38 24.83 -14.49 3.65
N SER A 39 23.82 -14.07 4.41
CA SER A 39 23.26 -14.95 5.44
C SER A 39 22.38 -15.91 4.66
N SER A 40 22.41 -17.19 4.99
CA SER A 40 21.59 -18.16 4.27
C SER A 40 20.12 -18.02 4.62
N VAL A 41 19.28 -18.18 3.60
CA VAL A 41 17.83 -18.07 3.77
C VAL A 41 17.18 -19.39 3.38
N ILE A 42 16.42 -19.97 4.30
CA ILE A 42 15.74 -21.23 4.06
C ILE A 42 14.26 -20.97 3.86
N THR A 43 13.76 -21.28 2.68
CA THR A 43 12.36 -21.08 2.36
C THR A 43 11.60 -22.41 2.42
N TYR A 44 10.61 -22.49 3.30
CA TYR A 44 9.83 -23.71 3.44
C TYR A 44 8.73 -23.82 2.38
N PRO A 45 8.23 -25.06 2.15
CA PRO A 45 7.19 -25.32 1.15
C PRO A 45 5.98 -24.41 1.02
N ASP A 46 5.39 -23.96 2.12
CA ASP A 46 4.22 -23.12 1.98
C ASP A 46 4.43 -21.62 2.16
N ALA A 47 5.65 -21.16 1.97
CA ALA A 47 5.92 -19.72 2.04
C ALA A 47 5.60 -19.31 0.59
N GLN A 48 4.61 -18.46 0.42
CA GLN A 48 4.20 -18.07 -0.92
C GLN A 48 4.73 -16.72 -1.38
N LEU A 49 4.81 -16.54 -2.70
CA LEU A 49 5.27 -15.28 -3.29
C LEU A 49 4.08 -14.60 -3.97
N VAL A 50 3.91 -13.32 -3.70
CA VAL A 50 2.81 -12.55 -4.27
C VAL A 50 3.32 -11.18 -4.73
N PRO A 51 2.45 -10.38 -5.38
CA PRO A 51 2.89 -9.05 -5.81
C PRO A 51 3.39 -8.23 -4.61
N GLY A 52 4.50 -7.53 -4.80
CA GLY A 52 5.06 -6.72 -3.71
C GLY A 52 5.11 -5.25 -4.06
N ILE A 53 5.87 -4.47 -3.30
CA ILE A 53 5.96 -3.04 -3.55
C ILE A 53 6.83 -2.75 -4.78
N ASN A 54 7.80 -3.62 -5.04
CA ASN A 54 8.67 -3.48 -6.20
C ASN A 54 9.19 -4.87 -6.55
N GLY A 55 8.31 -5.69 -7.15
CA GLY A 55 8.66 -7.05 -7.50
C GLY A 55 7.72 -7.98 -6.76
N LYS A 56 8.25 -9.05 -6.19
CA LYS A 56 7.41 -9.97 -5.44
C LYS A 56 7.68 -9.87 -3.94
N ALA A 57 6.74 -10.35 -3.14
CA ALA A 57 6.89 -10.28 -1.70
C ALA A 57 6.58 -11.62 -1.05
N ILE A 58 6.98 -11.76 0.21
CA ILE A 58 6.76 -13.00 0.95
C ILE A 58 5.33 -12.99 1.49
N HIS A 59 4.65 -14.12 1.34
CA HIS A 59 3.27 -14.26 1.81
C HIS A 59 3.22 -15.44 2.79
N LEU A 60 2.73 -15.19 4.00
CA LEU A 60 2.64 -16.23 5.03
C LEU A 60 1.21 -16.57 5.43
N VAL A 61 0.89 -17.86 5.36
CA VAL A 61 -0.44 -18.33 5.76
C VAL A 61 -0.24 -19.03 7.10
N ASN A 62 -1.32 -19.41 7.76
CA ASN A 62 -1.19 -20.01 9.08
C ASN A 62 -1.06 -21.53 9.21
N ASN A 63 0.12 -22.05 8.86
CA ASN A 63 0.41 -23.47 9.02
C ASN A 63 1.94 -23.61 9.13
N GLU A 64 2.37 -24.67 9.79
CA GLU A 64 3.79 -24.92 10.02
C GLU A 64 4.70 -24.89 8.80
N SER A 65 4.16 -25.20 7.63
CA SER A 65 4.97 -25.20 6.41
C SER A 65 5.20 -23.82 5.83
N SER A 66 4.46 -22.83 6.34
CA SER A 66 4.59 -21.48 5.82
C SER A 66 5.54 -20.63 6.66
N GLU A 67 6.80 -20.61 6.25
CA GLU A 67 7.80 -19.82 6.97
C GLU A 67 9.10 -19.66 6.18
N VAL A 68 9.82 -18.59 6.50
CA VAL A 68 11.10 -18.30 5.88
C VAL A 68 12.05 -18.07 7.04
N ILE A 69 13.18 -18.78 7.03
CA ILE A 69 14.15 -18.64 8.11
C ILE A 69 15.47 -18.08 7.61
N VAL A 70 15.98 -17.07 8.30
CA VAL A 70 17.25 -16.48 7.92
C VAL A 70 18.28 -16.89 8.98
N HIS A 71 19.32 -17.59 8.53
CA HIS A 71 20.38 -18.01 9.43
C HIS A 71 21.45 -16.94 9.34
N LYS A 72 21.58 -16.15 10.40
CA LYS A 72 22.53 -15.06 10.45
C LYS A 72 23.96 -15.51 10.24
N ALA A 73 24.66 -14.83 9.33
CA ALA A 73 26.05 -15.14 9.05
C ALA A 73 26.84 -14.81 10.32
N MET A 74 27.97 -15.49 10.51
CA MET A 74 28.78 -15.27 11.70
C MET A 74 29.18 -13.81 11.88
N ASP A 75 29.29 -13.08 10.78
CA ASP A 75 29.69 -11.68 10.82
C ASP A 75 28.63 -10.68 11.33
N ILE A 76 27.41 -11.15 11.51
CA ILE A 76 26.35 -10.27 12.00
C ILE A 76 25.58 -10.93 13.13
N GLU A 77 25.85 -12.21 13.35
CA GLU A 77 25.18 -13.00 14.37
C GLU A 77 24.94 -12.26 15.69
N TYR A 78 25.95 -11.53 16.18
CA TYR A 78 25.82 -10.82 17.45
C TYR A 78 25.76 -9.30 17.29
N ASN A 79 25.17 -8.83 16.20
CA ASN A 79 25.06 -7.40 15.94
C ASN A 79 24.24 -6.61 16.97
N ASP A 80 23.07 -7.14 17.33
CA ASP A 80 22.20 -6.44 18.27
C ASP A 80 22.23 -6.96 19.71
N MET A 81 23.39 -7.39 20.17
CA MET A 81 23.51 -7.88 21.55
C MET A 81 23.65 -6.69 22.49
N PHE A 82 24.50 -5.74 22.10
CA PHE A 82 24.74 -4.55 22.90
C PHE A 82 24.59 -3.29 22.07
N ASN A 83 24.75 -3.41 20.76
CA ASN A 83 24.67 -2.25 19.87
C ASN A 83 23.30 -1.90 19.31
N ASN A 84 23.25 -0.74 18.66
CA ASN A 84 22.03 -0.24 18.05
C ASN A 84 21.73 -0.94 16.73
N PHE A 85 20.45 -0.98 16.37
CA PHE A 85 20.03 -1.60 15.12
C PHE A 85 18.62 -1.13 14.76
N THR A 86 18.30 -1.27 13.47
CA THR A 86 17.00 -0.87 12.95
C THR A 86 16.44 -1.99 12.10
N VAL A 87 15.13 -2.21 12.20
CA VAL A 87 14.47 -3.22 11.41
C VAL A 87 13.43 -2.50 10.54
N SER A 88 13.42 -2.80 9.25
CA SER A 88 12.46 -2.20 8.35
C SER A 88 11.91 -3.24 7.38
N PHE A 89 10.69 -3.02 6.93
CA PHE A 89 10.06 -3.95 5.99
C PHE A 89 8.68 -3.45 5.63
N TRP A 90 8.24 -3.79 4.43
CA TRP A 90 6.90 -3.43 4.01
C TRP A 90 6.03 -4.52 4.61
N LEU A 91 4.84 -4.14 5.02
CA LEU A 91 3.91 -5.09 5.63
C LEU A 91 2.52 -4.89 5.08
N ARG A 92 1.81 -6.00 4.90
CA ARG A 92 0.44 -5.95 4.44
C ARG A 92 -0.36 -6.95 5.25
N VAL A 93 -1.36 -6.45 5.97
CA VAL A 93 -2.21 -7.28 6.81
C VAL A 93 -3.66 -7.02 6.43
N PRO A 94 -4.44 -8.10 6.19
CA PRO A 94 -5.84 -7.95 5.81
C PRO A 94 -6.65 -7.23 6.89
N LYS A 95 -7.75 -6.59 6.50
CA LYS A 95 -8.60 -5.89 7.45
C LYS A 95 -9.28 -6.95 8.31
N VAL A 96 -9.18 -6.81 9.62
CA VAL A 96 -9.80 -7.77 10.52
C VAL A 96 -11.31 -7.53 10.60
N SER A 97 -12.09 -8.56 10.29
CA SER A 97 -13.55 -8.45 10.34
C SER A 97 -13.99 -8.19 11.77
N ALA A 98 -15.23 -7.74 11.93
CA ALA A 98 -15.76 -7.48 13.26
C ALA A 98 -15.79 -8.78 14.06
N SER A 99 -16.17 -9.87 13.41
CA SER A 99 -16.23 -11.18 14.06
C SER A 99 -14.87 -11.57 14.62
N HIS A 100 -13.86 -11.49 13.77
CA HIS A 100 -12.50 -11.86 14.17
C HIS A 100 -11.86 -10.98 15.24
N LEU A 101 -12.31 -9.74 15.38
CA LEU A 101 -11.78 -8.86 16.41
C LEU A 101 -12.33 -9.33 17.76
N GLU A 102 -13.59 -9.74 17.75
CA GLU A 102 -14.25 -10.22 18.96
C GLU A 102 -13.72 -11.58 19.34
N GLN A 103 -13.48 -12.43 18.34
CA GLN A 103 -12.99 -13.77 18.59
C GLN A 103 -11.48 -13.91 18.87
N TYR A 104 -10.65 -13.18 18.13
CA TYR A 104 -9.22 -13.28 18.30
C TYR A 104 -8.54 -11.98 18.72
N GLY A 105 -9.33 -10.98 19.05
CA GLY A 105 -8.77 -9.70 19.43
C GLY A 105 -7.68 -9.73 20.49
N THR A 106 -7.75 -10.70 21.41
CA THR A 106 -6.74 -10.76 22.45
C THR A 106 -5.62 -11.75 22.15
N ASN A 107 -5.66 -12.36 20.96
CA ASN A 107 -4.64 -13.33 20.56
C ASN A 107 -3.43 -12.67 19.91
N GLU A 108 -2.34 -12.57 20.66
CA GLU A 108 -1.12 -11.97 20.13
C GLU A 108 -0.31 -13.06 19.44
N TYR A 109 0.15 -12.78 18.23
CA TYR A 109 0.95 -13.75 17.50
C TYR A 109 2.08 -13.03 16.78
N SER A 110 3.28 -13.60 16.84
CA SER A 110 4.43 -13.00 16.17
C SER A 110 4.40 -13.33 14.68
N ILE A 111 5.03 -12.49 13.88
CA ILE A 111 5.12 -12.72 12.45
C ILE A 111 6.61 -12.75 12.05
N ILE A 112 7.43 -12.03 12.81
CA ILE A 112 8.88 -11.98 12.59
C ILE A 112 9.53 -11.97 13.97
N SER A 113 10.50 -12.86 14.19
CA SER A 113 11.14 -12.92 15.50
C SER A 113 12.52 -13.56 15.53
N SER A 114 13.36 -13.06 16.45
CA SER A 114 14.70 -13.60 16.62
C SER A 114 14.74 -14.32 17.99
N MET A 115 13.57 -14.39 18.63
CA MET A 115 13.46 -15.05 19.93
C MET A 115 13.30 -16.56 19.77
N LYS A 116 14.05 -17.32 20.55
CA LYS A 116 14.00 -18.78 20.49
C LYS A 116 12.88 -19.30 21.40
N SER A 121 13.58 -21.64 28.63
CA SER A 121 13.54 -20.94 27.31
C SER A 121 13.91 -19.46 27.46
N ILE A 122 12.98 -18.70 28.03
CA ILE A 122 13.12 -17.25 28.25
C ILE A 122 12.95 -16.47 26.94
N GLY A 123 13.54 -16.97 25.87
CA GLY A 123 13.43 -16.32 24.57
C GLY A 123 13.87 -14.87 24.49
N SER A 124 15.15 -14.62 24.72
CA SER A 124 15.68 -13.27 24.64
C SER A 124 15.75 -12.90 23.16
N GLY A 125 15.66 -11.61 22.85
CA GLY A 125 15.70 -11.16 21.47
C GLY A 125 14.61 -10.17 21.14
N TRP A 126 14.24 -10.06 19.86
CA TRP A 126 13.18 -9.13 19.47
C TRP A 126 12.10 -9.82 18.65
N SER A 127 10.94 -9.20 18.61
CA SER A 127 9.82 -9.74 17.86
C SER A 127 8.84 -8.67 17.39
N VAL A 128 8.24 -8.94 16.23
CA VAL A 128 7.23 -8.09 15.65
C VAL A 128 5.99 -8.95 15.78
N SER A 129 4.96 -8.47 16.47
CA SER A 129 3.74 -9.26 16.63
C SER A 129 2.47 -8.44 16.38
N LEU A 130 1.35 -9.13 16.26
CA LEU A 130 0.06 -8.48 16.05
C LEU A 130 -0.97 -9.03 17.03
N LYS A 131 -1.81 -8.15 17.55
CA LYS A 131 -2.89 -8.53 18.48
C LYS A 131 -4.10 -7.67 18.11
N GLY A 132 -5.05 -8.28 17.42
CA GLY A 132 -6.21 -7.51 16.98
C GLY A 132 -5.66 -6.48 16.02
N ASN A 133 -5.96 -5.21 16.27
CA ASN A 133 -5.47 -4.14 15.40
C ASN A 133 -4.29 -3.39 16.02
N ASN A 134 -3.45 -4.15 16.75
CA ASN A 134 -2.27 -3.59 17.39
C ASN A 134 -1.00 -4.19 16.76
N LEU A 135 -0.02 -3.34 16.48
CA LEU A 135 1.26 -3.79 15.94
C LEU A 135 2.19 -3.67 17.13
N ILE A 136 2.88 -4.76 17.48
CA ILE A 136 3.73 -4.76 18.66
C ILE A 136 5.18 -5.08 18.42
N TRP A 137 6.06 -4.25 18.98
CA TRP A 137 7.50 -4.45 18.88
C TRP A 137 7.98 -4.83 20.28
N THR A 138 8.71 -5.93 20.40
CA THR A 138 9.19 -6.36 21.71
C THR A 138 10.67 -6.69 21.75
N LEU A 139 11.32 -6.26 22.83
CA LEU A 139 12.74 -6.52 23.06
C LEU A 139 12.85 -7.20 24.41
N LYS A 140 13.70 -8.22 24.51
CA LYS A 140 13.89 -8.91 25.78
C LYS A 140 15.35 -9.25 25.98
N ASP A 141 15.92 -8.83 27.10
CA ASP A 141 17.32 -9.12 27.38
C ASP A 141 17.48 -10.46 28.10
N SER A 142 18.72 -10.87 28.31
CA SER A 142 19.04 -12.14 28.95
C SER A 142 18.50 -12.32 30.37
N ALA A 143 18.05 -11.24 31.00
CA ALA A 143 17.51 -11.32 32.35
C ALA A 143 15.99 -11.41 32.32
N GLY A 144 15.41 -11.47 31.13
CA GLY A 144 13.98 -11.54 31.00
C GLY A 144 13.35 -10.18 31.07
N GLU A 145 14.18 -9.14 31.12
CA GLU A 145 13.70 -7.77 31.18
C GLU A 145 13.08 -7.45 29.81
N VAL A 146 11.94 -6.78 29.81
CA VAL A 146 11.24 -6.47 28.57
C VAL A 146 10.84 -5.01 28.34
N ARG A 147 10.81 -4.64 27.06
CA ARG A 147 10.41 -3.30 26.63
C ARG A 147 9.52 -3.50 25.41
N GLN A 148 8.46 -2.71 25.32
CA GLN A 148 7.54 -2.84 24.19
C GLN A 148 6.99 -1.51 23.69
N ILE A 149 6.53 -1.56 22.44
CA ILE A 149 5.89 -0.42 21.81
C ILE A 149 4.60 -1.07 21.31
N THR A 150 3.46 -0.51 21.70
CA THR A 150 2.18 -1.04 21.26
C THR A 150 1.44 0.02 20.46
N PHE A 151 1.39 -0.16 19.15
CA PHE A 151 0.70 0.78 18.29
C PHE A 151 -0.74 0.34 18.06
N ARG A 152 -1.68 1.20 18.44
CA ARG A 152 -3.10 0.92 18.23
C ARG A 152 -3.44 1.59 16.91
N ASP A 153 -3.89 0.81 15.94
CA ASP A 153 -4.21 1.33 14.62
C ASP A 153 -5.42 2.29 14.65
N LEU A 154 -5.50 3.17 13.67
CA LEU A 154 -6.61 4.13 13.58
C LEU A 154 -7.95 3.39 13.50
N PRO A 155 -9.02 4.01 14.02
CA PRO A 155 -10.37 3.42 14.00
C PRO A 155 -10.93 3.33 12.58
N ASP A 156 -10.67 4.39 11.81
CA ASP A 156 -11.12 4.53 10.41
C ASP A 156 -10.29 3.61 9.51
N LYS A 157 -10.85 2.45 9.22
CA LYS A 157 -10.20 1.45 8.40
C LYS A 157 -9.78 1.92 7.01
N PHE A 158 -10.48 2.91 6.47
CA PHE A 158 -10.13 3.42 5.15
C PHE A 158 -8.72 4.02 5.19
N ASN A 159 -8.36 4.60 6.33
CA ASN A 159 -7.04 5.23 6.50
C ASN A 159 -6.10 4.50 7.44
N ALA A 160 -6.50 3.34 7.94
CA ALA A 160 -5.66 2.58 8.86
C ALA A 160 -4.48 1.88 8.17
N TYR A 161 -3.43 1.61 8.95
CA TYR A 161 -2.22 0.97 8.43
C TYR A 161 -2.29 -0.54 8.39
N LEU A 162 -3.08 -1.12 9.27
CA LEU A 162 -3.24 -2.57 9.33
C LEU A 162 -4.61 -2.92 8.75
N ALA A 163 -4.91 -2.37 7.58
CA ALA A 163 -6.18 -2.61 6.94
C ALA A 163 -6.08 -2.87 5.44
N ASN A 164 -5.27 -3.87 5.11
CA ASN A 164 -5.06 -4.38 3.75
C ASN A 164 -4.20 -3.61 2.75
N LYS A 165 -3.59 -2.50 3.16
CA LYS A 165 -2.73 -1.76 2.24
C LYS A 165 -1.27 -2.02 2.59
N TRP A 166 -0.41 -1.99 1.58
CA TRP A 166 1.03 -2.16 1.82
C TRP A 166 1.52 -0.91 2.56
N VAL A 167 2.16 -1.10 3.71
CA VAL A 167 2.70 0.02 4.47
C VAL A 167 4.15 -0.27 4.85
N PHE A 168 4.91 0.77 5.11
CA PHE A 168 6.31 0.62 5.44
C PHE A 168 6.61 0.77 6.92
N ILE A 169 7.13 -0.31 7.49
CA ILE A 169 7.46 -0.35 8.91
C ILE A 169 8.96 -0.13 9.14
N THR A 170 9.29 0.65 10.17
CA THR A 170 10.67 0.90 10.53
C THR A 170 10.76 1.05 12.05
N ILE A 171 11.61 0.23 12.67
CA ILE A 171 11.79 0.28 14.11
C ILE A 171 13.25 0.45 14.48
N THR A 172 13.58 1.63 15.00
CA THR A 172 14.95 1.96 15.39
C THR A 172 15.13 1.65 16.87
N ASN A 173 16.34 1.23 17.23
CA ASN A 173 16.67 0.89 18.61
C ASN A 173 18.01 1.50 19.03
N ASP A 174 17.96 2.51 19.88
CA ASP A 174 19.16 3.14 20.40
C ASP A 174 19.27 2.66 21.84
N ARG A 175 20.27 1.82 22.10
CA ARG A 175 20.48 1.27 23.43
C ARG A 175 20.70 2.34 24.49
N LEU A 176 21.16 3.52 24.07
CA LEU A 176 21.40 4.60 25.01
C LEU A 176 20.17 5.46 25.23
N SER A 177 19.07 5.16 24.55
CA SER A 177 17.86 5.95 24.73
C SER A 177 16.55 5.19 24.55
N SER A 178 16.00 5.19 23.34
CA SER A 178 14.73 4.51 23.13
C SER A 178 14.57 3.80 21.80
N ALA A 179 13.43 3.12 21.68
CA ALA A 179 13.06 2.39 20.48
C ALA A 179 11.89 3.19 19.88
N ASN A 180 11.92 3.40 18.58
CA ASN A 180 10.87 4.17 17.93
C ASN A 180 10.28 3.40 16.75
N LEU A 181 8.95 3.31 16.73
CA LEU A 181 8.23 2.61 15.68
C LEU A 181 7.70 3.62 14.68
N TYR A 182 8.05 3.45 13.41
CA TYR A 182 7.61 4.35 12.34
C TYR A 182 6.80 3.61 11.28
N ILE A 183 5.76 4.26 10.78
CA ILE A 183 4.97 3.69 9.70
C ILE A 183 4.97 4.76 8.60
N ASN A 184 5.33 4.35 7.39
CA ASN A 184 5.41 5.28 6.26
C ASN A 184 6.18 6.55 6.64
N GLY A 185 7.30 6.35 7.32
CA GLY A 185 8.14 7.46 7.73
C GLY A 185 7.62 8.32 8.86
N VAL A 186 6.46 8.01 9.42
CA VAL A 186 5.92 8.79 10.52
C VAL A 186 6.04 8.06 11.85
N LEU A 187 6.49 8.77 12.89
CA LEU A 187 6.65 8.19 14.21
C LEU A 187 5.27 7.86 14.77
N MET A 188 5.05 6.59 15.08
CA MET A 188 3.76 6.12 15.61
C MET A 188 3.85 5.68 17.06
N GLY A 189 5.04 5.29 17.50
CA GLY A 189 5.20 4.84 18.87
C GLY A 189 6.64 4.90 19.33
N SER A 190 6.84 4.84 20.64
CA SER A 190 8.19 4.92 21.20
C SER A 190 8.25 4.29 22.60
N ALA A 191 9.47 3.97 23.04
CA ALA A 191 9.66 3.38 24.37
C ALA A 191 11.14 3.40 24.75
N GLU A 192 11.45 3.87 25.96
CA GLU A 192 12.84 3.91 26.43
C GLU A 192 13.33 2.49 26.63
N ILE A 193 14.56 2.22 26.20
CA ILE A 193 15.10 0.87 26.32
C ILE A 193 16.39 0.80 27.11
N THR A 194 16.64 1.84 27.91
CA THR A 194 17.84 1.88 28.75
C THR A 194 17.54 0.96 29.92
N GLY A 195 18.56 0.31 30.44
CA GLY A 195 18.34 -0.59 31.57
C GLY A 195 18.25 -2.03 31.09
N LEU A 196 18.35 -2.23 29.78
CA LEU A 196 18.29 -3.57 29.24
C LEU A 196 19.70 -4.10 29.14
N GLY A 197 19.87 -5.38 29.42
CA GLY A 197 21.19 -5.97 29.35
C GLY A 197 21.49 -6.45 27.94
N ALA A 198 22.21 -7.56 27.85
CA ALA A 198 22.57 -8.12 26.56
C ALA A 198 21.35 -8.76 25.92
N ILE A 199 21.24 -8.62 24.61
CA ILE A 199 20.12 -9.23 23.90
C ILE A 199 20.71 -10.45 23.21
N ARG A 200 20.46 -11.61 23.80
CA ARG A 200 20.96 -12.87 23.26
C ARG A 200 19.82 -13.59 22.57
N GLU A 201 19.66 -13.26 21.29
CA GLU A 201 18.61 -13.83 20.46
C GLU A 201 19.02 -15.15 19.82
N ASP A 202 18.08 -15.77 19.12
CA ASP A 202 18.31 -17.03 18.43
C ASP A 202 19.26 -16.77 17.27
N ASN A 203 19.89 -17.82 16.76
CA ASN A 203 20.80 -17.66 15.64
C ASN A 203 20.00 -17.45 14.35
N ASN A 204 18.70 -17.69 14.44
CA ASN A 204 17.80 -17.54 13.30
C ASN A 204 16.76 -16.44 13.48
N ILE A 205 16.42 -15.79 12.37
CA ILE A 205 15.39 -14.77 12.34
C ILE A 205 14.27 -15.50 11.62
N THR A 206 13.12 -15.65 12.29
CA THR A 206 12.01 -16.40 11.72
C THR A 206 10.79 -15.61 11.29
N LEU A 207 10.44 -15.72 10.01
CA LEU A 207 9.26 -15.06 9.48
C LEU A 207 8.21 -16.16 9.43
N LYS A 208 7.23 -16.08 10.31
CA LYS A 208 6.18 -17.09 10.40
C LYS A 208 5.10 -16.69 11.39
N LEU A 209 3.86 -17.11 11.15
CA LEU A 209 2.79 -16.79 12.09
C LEU A 209 2.97 -17.75 13.26
N ASP A 210 3.29 -17.21 14.42
CA ASP A 210 3.51 -18.04 15.60
C ASP A 210 2.46 -17.81 16.68
N ARG A 211 1.78 -18.88 17.07
CA ARG A 211 0.73 -18.84 18.09
C ARG A 211 -0.51 -18.06 17.66
N CYS A 212 -0.82 -18.07 16.38
CA CYS A 212 -1.99 -17.38 15.88
C CYS A 212 -3.14 -18.39 15.84
N ASN A 213 -4.20 -18.13 16.60
CA ASN A 213 -5.35 -19.03 16.66
C ASN A 213 -6.32 -18.97 15.49
N ASN A 214 -6.21 -17.94 14.66
CA ASN A 214 -7.10 -17.78 13.51
C ASN A 214 -6.50 -18.51 12.31
N ASN A 215 -7.06 -19.66 11.96
CA ASN A 215 -6.56 -20.44 10.85
C ASN A 215 -6.57 -19.74 9.50
N ASN A 216 -7.38 -18.70 9.36
CA ASN A 216 -7.43 -18.02 8.08
C ASN A 216 -6.59 -16.76 8.04
N GLN A 217 -5.84 -16.53 9.10
CA GLN A 217 -4.99 -15.34 9.15
C GLN A 217 -3.80 -15.48 8.21
N TYR A 218 -3.37 -14.37 7.64
CA TYR A 218 -2.21 -14.36 6.76
C TYR A 218 -1.62 -12.96 6.74
N VAL A 219 -0.38 -12.84 6.27
CA VAL A 219 0.29 -11.55 6.18
C VAL A 219 1.27 -11.58 5.03
N SER A 220 1.71 -10.41 4.61
CA SER A 220 2.68 -10.30 3.53
C SER A 220 3.81 -9.41 4.03
N ILE A 221 5.04 -9.81 3.74
CA ILE A 221 6.22 -9.09 4.18
C ILE A 221 7.16 -8.91 3.00
N ASP A 222 7.70 -7.71 2.85
CA ASP A 222 8.59 -7.45 1.74
C ASP A 222 9.78 -6.59 2.16
N LYS A 223 10.90 -6.78 1.46
CA LYS A 223 12.13 -6.03 1.71
C LYS A 223 12.60 -6.06 3.16
N PHE A 224 12.52 -7.22 3.82
CA PHE A 224 12.96 -7.30 5.21
C PHE A 224 14.42 -6.87 5.27
N ARG A 225 14.72 -5.95 6.17
CA ARG A 225 16.07 -5.42 6.25
C ARG A 225 16.48 -5.01 7.66
N ILE A 226 17.76 -5.19 7.97
CA ILE A 226 18.29 -4.81 9.28
C ILE A 226 19.52 -3.92 9.09
N PHE A 227 19.61 -2.86 9.90
CA PHE A 227 20.73 -1.93 9.85
C PHE A 227 21.45 -1.98 11.20
N CYS A 228 22.76 -1.78 11.19
CA CYS A 228 23.51 -1.82 12.44
C CYS A 228 23.60 -0.45 13.13
N LYS A 229 22.55 0.35 12.98
CA LYS A 229 22.49 1.66 13.62
C LYS A 229 21.02 2.05 13.76
N ALA A 230 20.77 3.05 14.60
CA ALA A 230 19.41 3.55 14.82
C ALA A 230 19.23 4.69 13.82
N LEU A 231 18.48 4.42 12.75
CA LEU A 231 18.25 5.44 11.71
C LEU A 231 17.49 6.66 12.22
N ASN A 232 17.86 7.83 11.72
CA ASN A 232 17.18 9.06 12.12
C ASN A 232 16.05 9.34 11.15
N PRO A 233 15.09 10.20 11.53
CA PRO A 233 13.95 10.54 10.67
C PRO A 233 14.26 10.79 9.20
N LYS A 234 15.26 11.63 8.94
CA LYS A 234 15.63 11.95 7.55
C LYS A 234 16.06 10.71 6.78
N GLU A 235 16.81 9.84 7.45
CA GLU A 235 17.27 8.62 6.80
C GLU A 235 16.07 7.71 6.52
N ILE A 236 15.15 7.60 7.47
CA ILE A 236 13.96 6.77 7.31
C ILE A 236 13.08 7.30 6.18
N GLU A 237 12.99 8.62 6.09
CA GLU A 237 12.19 9.27 5.06
C GLU A 237 12.74 8.90 3.68
N LYS A 238 14.07 8.91 3.58
CA LYS A 238 14.76 8.57 2.35
C LYS A 238 14.59 7.08 2.05
N LEU A 239 14.75 6.26 3.09
CA LEU A 239 14.60 4.82 2.96
C LEU A 239 13.22 4.53 2.38
N TYR A 240 12.20 5.03 3.08
CA TYR A 240 10.80 4.85 2.71
C TYR A 240 10.52 5.22 1.25
N THR A 241 10.83 6.46 0.87
CA THR A 241 10.56 6.91 -0.50
C THR A 241 11.43 6.27 -1.57
N SER A 242 12.50 5.60 -1.18
CA SER A 242 13.38 4.96 -2.17
C SER A 242 12.71 3.73 -2.78
N TYR A 243 11.65 3.23 -2.15
CA TYR A 243 10.97 2.04 -2.67
C TYR A 243 9.82 2.41 -3.60
N LEU A 244 9.36 3.65 -3.52
CA LEU A 244 8.25 4.11 -4.34
C LEU A 244 8.66 4.32 -5.81
N SER A 245 8.95 3.22 -6.51
CA SER A 245 9.36 3.27 -7.92
C SER A 245 8.25 3.83 -8.81
N ILE A 246 8.32 5.15 -9.05
CA ILE A 246 7.33 5.87 -9.84
C ILE A 246 7.11 5.37 -11.29
N THR A 247 7.58 4.18 -11.61
CA THR A 247 7.40 3.64 -12.97
C THR A 247 6.09 2.85 -13.10
N PHE A 248 5.86 1.94 -12.15
CA PHE A 248 4.65 1.11 -12.15
C PHE A 248 3.54 1.83 -11.38
N LEU A 249 2.33 1.80 -11.91
CA LEU A 249 1.20 2.43 -11.22
C LEU A 249 0.69 1.39 -10.20
N ARG A 250 0.00 1.85 -9.17
CA ARG A 250 -0.49 0.93 -8.16
C ARG A 250 -1.98 1.06 -7.91
N ASP A 251 -2.58 0.01 -7.38
CA ASP A 251 -3.99 0.05 -7.05
C ASP A 251 -4.11 0.56 -5.61
N PHE A 252 -5.34 0.63 -5.11
CA PHE A 252 -5.61 1.12 -3.76
C PHE A 252 -4.81 0.42 -2.65
N TRP A 253 -4.61 -0.88 -2.81
CA TRP A 253 -3.88 -1.67 -1.83
C TRP A 253 -2.37 -1.53 -1.89
N GLY A 254 -1.85 -0.96 -2.98
CA GLY A 254 -0.42 -0.80 -3.09
C GLY A 254 0.19 -1.84 -4.03
N ASN A 255 -0.65 -2.69 -4.61
CA ASN A 255 -0.20 -3.69 -5.55
C ASN A 255 -0.18 -3.08 -6.94
N PRO A 256 0.51 -3.72 -7.90
CA PRO A 256 0.57 -3.20 -9.26
C PRO A 256 -0.80 -3.07 -9.95
N LEU A 257 -1.02 -1.93 -10.60
CA LEU A 257 -2.26 -1.68 -11.32
C LEU A 257 -2.21 -2.66 -12.49
N ARG A 258 -3.35 -3.23 -12.89
CA ARG A 258 -3.36 -4.19 -13.99
C ARG A 258 -4.38 -3.92 -15.07
N TYR A 259 -4.06 -4.36 -16.27
CA TYR A 259 -4.97 -4.24 -17.41
C TYR A 259 -6.06 -5.29 -17.25
N ASP A 260 -7.16 -5.11 -17.98
CA ASP A 260 -8.26 -6.06 -17.96
C ASP A 260 -8.74 -6.50 -16.57
N THR A 261 -8.75 -5.57 -15.62
CA THR A 261 -9.17 -5.88 -14.26
C THR A 261 -10.21 -4.86 -13.77
N GLU A 262 -11.25 -5.35 -13.11
CA GLU A 262 -12.30 -4.46 -12.61
C GLU A 262 -11.82 -3.67 -11.40
N TYR A 263 -12.05 -2.37 -11.45
CA TYR A 263 -11.66 -1.45 -10.38
C TYR A 263 -12.75 -0.47 -10.08
N TYR A 264 -12.94 -0.19 -8.79
CA TYR A 264 -13.92 0.79 -8.37
C TYR A 264 -13.10 2.07 -8.21
N LEU A 265 -13.59 3.18 -8.73
CA LEU A 265 -12.85 4.43 -8.60
C LEU A 265 -13.34 5.30 -7.46
N ILE A 266 -12.39 5.80 -6.68
CA ILE A 266 -12.68 6.70 -5.57
C ILE A 266 -11.73 7.90 -5.66
N PRO A 267 -12.28 9.13 -5.64
CA PRO A 267 -11.41 10.31 -5.73
C PRO A 267 -10.74 10.56 -4.38
N VAL A 268 -9.41 10.67 -4.40
CA VAL A 268 -8.64 10.92 -3.20
C VAL A 268 -9.15 12.15 -2.46
N ALA A 269 -9.51 13.17 -3.22
CA ALA A 269 -9.99 14.42 -2.64
C ALA A 269 -11.36 14.33 -1.96
N SER A 270 -12.06 13.22 -2.15
CA SER A 270 -13.36 13.02 -1.52
C SER A 270 -13.57 11.53 -1.40
N SER A 271 -12.70 10.90 -0.61
CA SER A 271 -12.71 9.46 -0.42
C SER A 271 -14.03 8.86 0.05
N SER A 272 -14.92 9.68 0.58
CA SER A 272 -16.21 9.16 1.04
C SER A 272 -17.19 9.07 -0.12
N LYS A 273 -16.73 9.38 -1.33
CA LYS A 273 -17.60 9.36 -2.50
C LYS A 273 -17.34 8.21 -3.48
N ASP A 274 -18.41 7.63 -4.01
CA ASP A 274 -18.31 6.58 -5.00
C ASP A 274 -18.74 7.20 -6.32
N VAL A 275 -18.47 6.51 -7.43
CA VAL A 275 -18.84 7.01 -8.74
C VAL A 275 -20.10 6.31 -9.24
N GLN A 276 -21.02 7.08 -9.82
CA GLN A 276 -22.26 6.53 -10.35
C GLN A 276 -22.52 7.03 -11.77
N LEU A 277 -23.36 6.31 -12.50
CA LEU A 277 -23.70 6.66 -13.88
C LEU A 277 -25.14 7.14 -14.02
N LYS A 278 -25.35 8.22 -14.78
CA LYS A 278 -26.68 8.76 -15.04
C LYS A 278 -27.44 7.78 -15.96
N ASN A 279 -26.83 7.47 -17.10
CA ASN A 279 -27.39 6.56 -18.10
C ASN A 279 -26.34 6.26 -19.16
N ILE A 280 -26.50 5.16 -19.89
CA ILE A 280 -25.58 4.82 -20.96
C ILE A 280 -25.64 6.01 -21.92
N THR A 281 -24.48 6.39 -22.45
CA THR A 281 -24.30 7.53 -23.36
C THR A 281 -24.23 8.84 -22.58
N ASP A 282 -24.60 8.82 -21.30
CA ASP A 282 -24.58 10.03 -20.49
C ASP A 282 -23.38 10.16 -19.54
N TYR A 283 -23.50 11.09 -18.58
CA TYR A 283 -22.43 11.38 -17.63
C TYR A 283 -22.36 10.56 -16.35
N MET A 284 -21.28 10.78 -15.61
CA MET A 284 -21.02 10.10 -14.34
C MET A 284 -20.91 11.17 -13.26
N TYR A 285 -21.24 10.81 -12.02
CA TYR A 285 -21.19 11.74 -10.92
C TYR A 285 -20.92 10.99 -9.62
N LEU A 286 -20.58 11.74 -8.57
CA LEU A 286 -20.29 11.14 -7.26
C LEU A 286 -21.52 11.04 -6.39
N THR A 287 -21.54 10.01 -5.55
CA THR A 287 -22.63 9.78 -4.60
C THR A 287 -21.95 9.38 -3.30
N ASN A 288 -22.62 9.60 -2.18
CA ASN A 288 -22.03 9.23 -0.90
C ASN A 288 -22.02 7.71 -0.79
N ALA A 289 -20.87 7.15 -0.38
CA ALA A 289 -20.77 5.71 -0.23
C ALA A 289 -21.39 5.32 1.11
N PRO A 290 -22.02 4.14 1.16
CA PRO A 290 -22.62 3.70 2.43
C PRO A 290 -21.46 3.46 3.41
N SER A 291 -21.73 3.51 4.72
CA SER A 291 -20.66 3.28 5.68
C SER A 291 -21.01 2.22 6.71
N TYR A 292 -19.99 1.80 7.46
CA TYR A 292 -20.13 0.81 8.52
C TYR A 292 -19.53 1.38 9.78
N THR A 293 -20.19 1.17 10.92
CA THR A 293 -19.68 1.66 12.19
C THR A 293 -19.95 0.65 13.30
N ASN A 294 -19.00 0.55 14.23
CA ASN A 294 -19.14 -0.37 15.36
C ASN A 294 -18.62 0.32 16.61
N GLY A 295 -19.54 0.84 17.41
CA GLY A 295 -19.16 1.54 18.62
C GLY A 295 -18.41 0.65 19.59
N LYS A 296 -18.98 -0.51 19.87
CA LYS A 296 -18.37 -1.47 20.80
C LYS A 296 -16.90 -1.70 20.47
N LEU A 297 -16.61 -1.99 19.21
CA LEU A 297 -15.25 -2.24 18.79
C LEU A 297 -14.49 -0.97 18.44
N ASN A 298 -15.21 0.15 18.35
CA ASN A 298 -14.64 1.43 17.97
C ASN A 298 -13.90 1.37 16.63
N ILE A 299 -14.61 0.89 15.61
CA ILE A 299 -14.03 0.83 14.28
C ILE A 299 -15.13 1.26 13.34
N TYR A 300 -14.72 1.82 12.20
CA TYR A 300 -15.67 2.25 11.20
C TYR A 300 -14.92 2.52 9.90
N TYR A 301 -15.67 2.61 8.82
CA TYR A 301 -15.08 2.88 7.51
C TYR A 301 -16.16 3.00 6.46
N ARG A 302 -15.86 3.76 5.42
CA ARG A 302 -16.77 3.91 4.32
C ARG A 302 -16.70 2.52 3.66
N ARG A 303 -17.85 1.93 3.36
CA ARG A 303 -17.86 0.61 2.74
C ARG A 303 -17.29 0.67 1.33
N LEU A 304 -16.77 -0.46 0.86
CA LEU A 304 -16.20 -0.52 -0.49
C LEU A 304 -17.01 -1.40 -1.44
N TYR A 305 -16.63 -1.35 -2.71
CA TYR A 305 -17.23 -2.16 -3.75
C TYR A 305 -18.61 -1.75 -4.27
N ASN A 306 -18.97 -0.49 -4.08
CA ASN A 306 -20.24 0.04 -4.58
C ASN A 306 -19.83 1.07 -5.63
N GLY A 307 -20.68 1.30 -6.61
CA GLY A 307 -20.34 2.27 -7.64
C GLY A 307 -19.98 1.56 -8.93
N LEU A 308 -19.59 2.32 -9.94
CA LEU A 308 -19.25 1.74 -11.23
C LEU A 308 -17.98 0.91 -11.22
N LYS A 309 -17.95 -0.10 -12.08
CA LYS A 309 -16.78 -0.96 -12.23
C LYS A 309 -16.09 -0.46 -13.49
N PHE A 310 -14.81 -0.08 -13.39
CA PHE A 310 -14.03 0.39 -14.53
C PHE A 310 -12.97 -0.63 -14.95
N ILE A 311 -12.66 -0.66 -16.25
CA ILE A 311 -11.65 -1.58 -16.75
C ILE A 311 -10.67 -0.82 -17.64
N ILE A 312 -9.39 -1.08 -17.43
CA ILE A 312 -8.34 -0.46 -18.22
C ILE A 312 -7.91 -1.41 -19.32
N LYS A 313 -7.93 -0.92 -20.56
CA LYS A 313 -7.51 -1.73 -21.69
C LYS A 313 -6.36 -1.05 -22.43
N ARG A 314 -5.47 -1.85 -23.02
CA ARG A 314 -4.32 -1.34 -23.76
C ARG A 314 -4.77 -0.59 -25.01
N TYR A 315 -4.24 0.61 -25.21
CA TYR A 315 -4.60 1.40 -26.38
C TYR A 315 -3.97 0.77 -27.60
N THR A 316 -2.76 0.25 -27.43
CA THR A 316 -2.02 -0.45 -28.48
C THR A 316 -1.23 -1.51 -27.74
N PRO A 317 -0.82 -2.59 -28.42
CA PRO A 317 -0.05 -3.66 -27.76
C PRO A 317 1.21 -3.14 -27.08
N ASN A 318 1.34 -3.45 -25.79
CA ASN A 318 2.49 -3.02 -25.01
C ASN A 318 3.58 -4.10 -24.96
N ASN A 319 4.78 -3.68 -24.55
CA ASN A 319 5.95 -4.56 -24.44
C ASN A 319 5.70 -5.97 -24.96
N GLU A 320 5.27 -6.85 -24.06
CA GLU A 320 4.96 -8.23 -24.39
C GLU A 320 3.69 -8.56 -23.64
N ILE A 321 2.69 -7.72 -23.81
CA ILE A 321 1.41 -7.89 -23.15
C ILE A 321 1.62 -7.88 -21.63
N ASP A 322 2.46 -6.97 -21.13
CA ASP A 322 2.67 -6.91 -19.69
C ASP A 322 1.30 -6.72 -19.05
N SER A 323 1.02 -7.45 -17.98
CA SER A 323 -0.27 -7.35 -17.29
C SER A 323 -0.37 -6.10 -16.43
N PHE A 324 0.77 -5.54 -16.04
CA PHE A 324 0.77 -4.34 -15.21
C PHE A 324 0.75 -3.06 -16.04
N VAL A 325 0.16 -2.01 -15.47
CA VAL A 325 0.06 -0.73 -16.15
C VAL A 325 1.21 0.19 -15.75
N LYS A 326 1.94 0.70 -16.74
CA LYS A 326 3.07 1.57 -16.48
C LYS A 326 2.69 3.03 -16.70
N SER A 327 3.25 3.91 -15.87
CA SER A 327 2.99 5.34 -15.99
C SER A 327 3.38 5.74 -17.42
N GLY A 328 2.54 6.51 -18.10
CA GLY A 328 2.84 6.91 -19.47
C GLY A 328 2.15 6.02 -20.49
N ASP A 329 1.61 4.90 -20.04
CA ASP A 329 0.90 3.97 -20.91
C ASP A 329 -0.38 4.61 -21.41
N PHE A 330 -0.68 4.41 -22.69
CA PHE A 330 -1.92 4.93 -23.28
C PHE A 330 -2.95 3.84 -23.12
N ILE A 331 -4.15 4.22 -22.70
CA ILE A 331 -5.19 3.24 -22.45
C ILE A 331 -6.57 3.68 -22.93
N LYS A 332 -7.49 2.72 -22.84
CA LYS A 332 -8.89 2.94 -23.16
C LYS A 332 -9.55 2.55 -21.85
N LEU A 333 -10.38 3.44 -21.32
CA LEU A 333 -11.08 3.18 -20.07
C LEU A 333 -12.52 2.80 -20.35
N TYR A 334 -12.97 1.70 -19.76
CA TYR A 334 -14.34 1.24 -19.96
C TYR A 334 -15.09 1.10 -18.66
N VAL A 335 -16.41 1.23 -18.74
CA VAL A 335 -17.26 1.03 -17.58
C VAL A 335 -17.95 -0.31 -17.84
N SER A 336 -17.89 -1.22 -16.88
CA SER A 336 -18.52 -2.53 -17.03
C SER A 336 -19.88 -2.43 -16.38
N TYR A 337 -20.91 -2.23 -17.20
CA TYR A 337 -22.27 -2.05 -16.69
C TYR A 337 -23.23 -3.11 -17.18
N ASN A 338 -23.87 -3.79 -16.24
CA ASN A 338 -24.83 -4.84 -16.56
C ASN A 338 -24.29 -5.81 -17.61
N ASN A 339 -23.05 -6.24 -17.41
CA ASN A 339 -22.39 -7.18 -18.30
C ASN A 339 -21.91 -6.62 -19.63
N ASN A 340 -22.25 -5.37 -19.94
CA ASN A 340 -21.79 -4.77 -21.18
C ASN A 340 -20.66 -3.79 -20.85
N GLU A 341 -19.72 -3.63 -21.78
CA GLU A 341 -18.61 -2.71 -21.57
C GLU A 341 -18.83 -1.46 -22.41
N HIS A 342 -18.69 -0.29 -21.78
CA HIS A 342 -18.86 0.98 -22.50
C HIS A 342 -17.64 1.89 -22.32
N ILE A 343 -17.10 2.35 -23.44
CA ILE A 343 -15.92 3.21 -23.45
C ILE A 343 -16.22 4.56 -22.83
N VAL A 344 -15.25 5.11 -22.13
CA VAL A 344 -15.38 6.42 -21.50
C VAL A 344 -14.67 7.44 -22.38
N GLY A 345 -15.33 8.55 -22.69
CA GLY A 345 -14.69 9.55 -23.52
C GLY A 345 -15.43 10.87 -23.57
N TYR A 346 -14.93 11.79 -24.39
CA TYR A 346 -15.57 13.09 -24.56
C TYR A 346 -15.87 13.29 -26.03
N PRO A 347 -17.15 13.43 -26.38
CA PRO A 347 -17.55 13.63 -27.77
C PRO A 347 -17.23 15.03 -28.25
N LYS A 348 -16.89 15.15 -29.53
CA LYS A 348 -16.57 16.45 -30.11
C LYS A 348 -17.73 17.41 -29.87
N ASP A 349 -17.41 18.58 -29.35
CA ASP A 349 -18.41 19.60 -29.04
C ASP A 349 -19.38 19.19 -27.93
N GLY A 350 -19.00 18.17 -27.15
CA GLY A 350 -19.87 17.72 -26.07
C GLY A 350 -20.08 18.76 -24.99
N ASN A 351 -21.15 18.62 -24.24
CA ASN A 351 -21.46 19.57 -23.17
C ASN A 351 -20.23 19.70 -22.27
N ALA A 352 -19.88 20.93 -21.94
CA ALA A 352 -18.73 21.22 -21.08
C ALA A 352 -19.01 22.47 -20.27
N PHE A 353 -18.60 22.46 -18.99
CA PHE A 353 -18.82 23.61 -18.13
C PHE A 353 -17.93 24.76 -18.57
N ASN A 354 -18.56 25.87 -18.95
CA ASN A 354 -17.84 27.05 -19.40
C ASN A 354 -16.79 26.69 -20.46
N ASN A 355 -17.11 25.69 -21.28
CA ASN A 355 -16.24 25.23 -22.36
C ASN A 355 -14.85 24.74 -21.97
N LEU A 356 -14.58 24.58 -20.68
CA LEU A 356 -13.26 24.14 -20.26
C LEU A 356 -13.26 22.76 -19.61
N ASP A 357 -14.28 22.48 -18.82
CA ASP A 357 -14.37 21.20 -18.13
C ASP A 357 -15.28 20.27 -18.91
N ARG A 358 -14.68 19.48 -19.78
CA ARG A 358 -15.41 18.53 -20.63
C ARG A 358 -16.10 17.42 -19.86
N ILE A 359 -17.41 17.32 -20.03
CA ILE A 359 -18.16 16.30 -19.34
C ILE A 359 -17.97 14.92 -19.98
N LEU A 360 -17.43 13.97 -19.20
CA LEU A 360 -17.19 12.63 -19.68
C LEU A 360 -18.51 11.89 -19.96
N ARG A 361 -18.48 11.00 -20.94
CA ARG A 361 -19.67 10.26 -21.32
C ARG A 361 -19.34 8.77 -21.37
N VAL A 362 -20.31 7.94 -21.02
CA VAL A 362 -20.13 6.49 -21.00
C VAL A 362 -20.96 5.78 -22.07
N GLY A 363 -20.29 5.20 -23.06
CA GLY A 363 -21.02 4.50 -24.10
C GLY A 363 -21.72 5.44 -25.08
N TYR A 364 -21.14 6.62 -25.27
CA TYR A 364 -21.69 7.61 -26.19
C TYR A 364 -21.50 7.04 -27.59
N ASN A 365 -22.54 7.12 -28.42
CA ASN A 365 -22.48 6.57 -29.75
C ASN A 365 -23.25 7.33 -30.84
N ALA A 366 -23.36 8.64 -30.69
CA ALA A 366 -24.07 9.44 -31.69
C ALA A 366 -23.34 9.28 -33.02
N PRO A 367 -24.08 8.95 -34.09
CA PRO A 367 -23.45 8.78 -35.41
C PRO A 367 -22.83 10.07 -35.96
N GLY A 368 -21.68 9.92 -36.60
CA GLY A 368 -21.00 11.07 -37.20
C GLY A 368 -20.36 12.06 -36.24
N ILE A 369 -20.32 11.73 -34.96
CA ILE A 369 -19.69 12.62 -33.99
C ILE A 369 -18.48 11.91 -33.39
N PRO A 370 -17.27 12.38 -33.70
CA PRO A 370 -16.09 11.72 -33.13
C PRO A 370 -16.10 11.71 -31.60
N LEU A 371 -15.60 10.62 -31.05
CA LEU A 371 -15.53 10.42 -29.60
C LEU A 371 -14.08 10.24 -29.17
N TYR A 372 -13.55 11.24 -28.48
CA TYR A 372 -12.18 11.18 -28.03
C TYR A 372 -12.15 10.26 -26.80
N LYS A 373 -11.32 9.22 -26.89
CA LYS A 373 -11.23 8.22 -25.82
C LYS A 373 -9.82 7.79 -25.46
N LYS A 374 -8.83 8.28 -26.19
CA LYS A 374 -7.44 7.92 -25.89
C LYS A 374 -7.00 8.58 -24.58
N MET A 375 -6.59 7.77 -23.62
CA MET A 375 -6.14 8.27 -22.34
C MET A 375 -4.72 7.82 -22.05
N GLU A 376 -4.08 8.49 -21.09
CA GLU A 376 -2.75 8.15 -20.67
C GLU A 376 -2.77 7.99 -19.15
N ALA A 377 -2.42 6.80 -18.65
CA ALA A 377 -2.38 6.57 -17.21
C ALA A 377 -1.04 7.10 -16.73
N VAL A 378 -1.05 8.07 -15.82
CA VAL A 378 0.19 8.68 -15.32
C VAL A 378 0.24 8.89 -13.82
N LYS A 379 1.44 9.17 -13.33
CA LYS A 379 1.70 9.45 -11.91
C LYS A 379 2.46 10.78 -11.87
N LEU A 380 1.71 11.87 -11.84
CA LEU A 380 2.27 13.22 -11.84
C LEU A 380 2.43 13.83 -10.45
N ARG A 381 1.80 13.23 -9.45
CA ARG A 381 1.88 13.79 -8.11
C ARG A 381 1.53 12.82 -6.99
N ASP A 382 1.83 13.25 -5.77
CA ASP A 382 1.56 12.50 -4.55
C ASP A 382 2.17 11.11 -4.57
N LEU A 383 3.50 11.07 -4.55
CA LEU A 383 4.27 9.83 -4.59
C LEU A 383 3.95 8.78 -3.53
N LYS A 384 3.64 9.21 -2.33
CA LYS A 384 3.35 8.28 -1.24
C LYS A 384 1.96 7.67 -1.28
N THR A 385 1.06 8.30 -2.04
CA THR A 385 -0.32 7.83 -2.13
C THR A 385 -0.55 6.89 -3.30
N TYR A 386 -1.29 5.81 -3.07
CA TYR A 386 -1.56 4.87 -4.15
C TYR A 386 -2.72 5.37 -5.02
N SER A 387 -2.45 6.46 -5.74
CA SER A 387 -3.44 7.05 -6.61
C SER A 387 -2.89 7.21 -8.02
N VAL A 388 -3.77 7.50 -8.96
CA VAL A 388 -3.38 7.65 -10.36
C VAL A 388 -4.12 8.85 -10.99
N GLN A 389 -3.56 9.41 -12.05
CA GLN A 389 -4.19 10.50 -12.78
C GLN A 389 -4.46 9.95 -14.18
N LEU A 390 -5.44 10.52 -14.86
CA LEU A 390 -5.77 10.08 -16.21
C LEU A 390 -5.89 11.29 -17.12
N LYS A 391 -5.13 11.24 -18.22
CA LYS A 391 -5.11 12.32 -19.20
C LYS A 391 -5.81 11.90 -20.50
N LEU A 392 -6.80 12.70 -20.89
CA LEU A 392 -7.57 12.46 -22.10
C LEU A 392 -7.03 13.31 -23.26
N TYR A 393 -6.97 12.71 -24.44
CA TYR A 393 -6.48 13.37 -25.65
C TYR A 393 -7.55 13.41 -26.74
N ASP A 394 -7.44 14.38 -27.66
CA ASP A 394 -8.39 14.45 -28.75
C ASP A 394 -7.74 13.73 -29.92
N ASP A 395 -8.32 13.83 -31.12
CA ASP A 395 -7.77 13.17 -32.29
C ASP A 395 -6.49 13.81 -32.82
N LYS A 396 -6.17 15.01 -32.33
CA LYS A 396 -4.95 15.70 -32.77
C LYS A 396 -3.84 15.51 -31.75
N ASN A 397 -4.07 14.61 -30.79
CA ASN A 397 -3.12 14.33 -29.72
C ASN A 397 -2.95 15.52 -28.78
N ALA A 398 -3.90 16.45 -28.82
CA ALA A 398 -3.84 17.60 -27.94
C ALA A 398 -4.49 17.18 -26.62
N SER A 399 -4.04 17.75 -25.52
CA SER A 399 -4.61 17.41 -24.23
C SER A 399 -6.01 17.98 -23.99
N LEU A 400 -6.92 17.13 -23.54
CA LEU A 400 -8.27 17.56 -23.25
C LEU A 400 -8.38 17.74 -21.74
N GLY A 401 -7.32 17.34 -21.04
CA GLY A 401 -7.28 17.49 -19.58
C GLY A 401 -7.19 16.22 -18.76
N LEU A 402 -7.01 16.40 -17.46
CA LEU A 402 -6.94 15.28 -16.55
C LEU A 402 -8.35 15.00 -16.06
N VAL A 403 -8.66 13.74 -15.81
CA VAL A 403 -9.98 13.37 -15.33
C VAL A 403 -10.15 13.84 -13.89
N GLY A 404 -11.27 14.51 -13.62
CA GLY A 404 -11.56 15.01 -12.29
C GLY A 404 -13.05 15.20 -12.15
N THR A 405 -13.48 16.16 -11.34
CA THR A 405 -14.89 16.44 -11.20
C THR A 405 -15.15 17.94 -11.12
N HIS A 406 -16.35 18.34 -11.51
CA HIS A 406 -16.76 19.74 -11.47
C HIS A 406 -18.16 19.81 -10.87
N ASN A 407 -18.38 20.75 -9.96
CA ASN A 407 -19.68 20.90 -9.34
C ASN A 407 -20.60 21.76 -10.20
N GLY A 408 -21.83 21.31 -10.38
CA GLY A 408 -22.81 22.02 -11.18
C GLY A 408 -23.94 21.11 -11.58
N GLN A 409 -24.72 21.51 -12.57
CA GLN A 409 -25.82 20.67 -13.01
C GLN A 409 -26.02 20.63 -14.52
N ILE A 410 -26.66 19.55 -14.96
CA ILE A 410 -26.97 19.31 -16.36
C ILE A 410 -28.48 19.27 -16.50
N GLY A 411 -29.03 20.15 -17.34
CA GLY A 411 -30.46 20.19 -17.53
C GLY A 411 -31.16 20.44 -16.21
N ASN A 412 -32.15 19.62 -15.90
CA ASN A 412 -32.90 19.76 -14.65
C ASN A 412 -32.43 18.82 -13.55
N ASP A 413 -31.34 18.10 -13.79
CA ASP A 413 -30.81 17.18 -12.79
C ASP A 413 -30.33 17.97 -11.57
N PRO A 414 -30.26 17.30 -10.40
CA PRO A 414 -29.81 17.96 -9.17
C PRO A 414 -28.35 18.36 -9.29
N ASN A 415 -27.92 19.33 -8.48
CA ASN A 415 -26.53 19.76 -8.50
C ASN A 415 -25.67 18.54 -8.19
N ARG A 416 -24.59 18.36 -8.96
CA ARG A 416 -23.71 17.21 -8.75
C ARG A 416 -22.24 17.48 -9.04
N ASP A 417 -21.39 16.58 -8.54
CA ASP A 417 -19.96 16.65 -8.79
C ASP A 417 -19.81 15.70 -9.95
N ILE A 418 -19.78 16.27 -11.15
CA ILE A 418 -19.72 15.51 -12.38
C ILE A 418 -18.32 15.24 -12.92
N LEU A 419 -18.10 14.00 -13.35
CA LEU A 419 -16.81 13.57 -13.90
C LEU A 419 -16.52 14.36 -15.16
N ILE A 420 -15.31 14.92 -15.22
CA ILE A 420 -14.89 15.72 -16.36
C ILE A 420 -13.42 15.57 -16.68
N ALA A 421 -13.00 16.23 -17.75
CA ALA A 421 -11.61 16.25 -18.18
C ALA A 421 -11.31 17.73 -18.26
N SER A 422 -10.21 18.16 -17.64
CA SER A 422 -9.87 19.59 -17.66
C SER A 422 -8.37 19.83 -17.53
N ASN A 423 -7.86 20.81 -18.27
CA ASN A 423 -6.44 21.15 -18.20
C ASN A 423 -6.14 22.03 -17.01
N TRP A 424 -7.19 22.41 -16.28
CA TRP A 424 -7.03 23.27 -15.11
C TRP A 424 -6.05 22.67 -14.10
N TYR A 425 -6.16 21.36 -13.90
CA TYR A 425 -5.32 20.63 -12.95
C TYR A 425 -3.82 20.80 -13.15
N PHE A 426 -3.39 20.90 -14.41
CA PHE A 426 -1.97 21.04 -14.70
C PHE A 426 -1.34 22.29 -14.08
N ASN A 427 -2.17 23.22 -13.64
CA ASN A 427 -1.69 24.46 -13.03
C ASN A 427 -1.69 24.33 -11.51
N HIS A 428 -2.10 23.17 -11.00
CA HIS A 428 -2.16 22.99 -9.55
C HIS A 428 -1.58 21.69 -9.03
N LEU A 429 -0.69 21.08 -9.79
CA LEU A 429 -0.08 19.82 -9.40
C LEU A 429 0.69 19.82 -8.10
N LYS A 430 0.89 20.98 -7.50
CA LYS A 430 1.63 21.06 -6.25
C LYS A 430 0.75 21.09 -5.00
N ASP A 431 -0.57 21.19 -5.19
CA ASP A 431 -1.48 21.25 -4.05
C ASP A 431 -1.45 19.96 -3.25
N LYS A 432 -1.79 20.07 -1.96
CA LYS A 432 -1.82 18.92 -1.08
C LYS A 432 -2.91 17.95 -1.55
N ILE A 433 -4.08 18.50 -1.84
CA ILE A 433 -5.22 17.70 -2.29
C ILE A 433 -5.70 18.24 -3.64
N LEU A 434 -5.93 17.34 -4.61
CA LEU A 434 -6.37 17.74 -5.94
C LEU A 434 -7.43 16.77 -6.44
N GLY A 435 -8.48 17.32 -7.04
CA GLY A 435 -9.58 16.51 -7.54
C GLY A 435 -9.31 15.60 -8.72
N CYS A 436 -8.06 15.57 -9.19
CA CYS A 436 -7.71 14.73 -10.33
C CYS A 436 -7.01 13.44 -9.91
N ASP A 437 -6.92 13.21 -8.60
CA ASP A 437 -6.29 12.00 -8.09
C ASP A 437 -7.32 10.91 -7.80
N TRP A 438 -7.08 9.72 -8.35
CA TRP A 438 -8.00 8.60 -8.17
C TRP A 438 -7.41 7.32 -7.59
N TYR A 439 -8.21 6.65 -6.75
CA TYR A 439 -7.83 5.37 -6.19
C TYR A 439 -8.53 4.32 -7.07
N PHE A 440 -7.80 3.29 -7.49
CA PHE A 440 -8.40 2.22 -8.28
C PHE A 440 -8.48 1.03 -7.31
N VAL A 441 -9.70 0.72 -6.88
CA VAL A 441 -9.95 -0.33 -5.90
C VAL A 441 -10.48 -1.65 -6.43
N PRO A 442 -9.68 -2.73 -6.35
CA PRO A 442 -10.11 -4.03 -6.83
C PRO A 442 -10.63 -4.82 -5.62
N THR A 443 -11.62 -5.68 -5.84
CA THR A 443 -12.15 -6.49 -4.75
C THR A 443 -10.97 -7.34 -4.29
N ASP A 444 -10.85 -7.59 -3.00
CA ASP A 444 -9.73 -8.33 -2.46
C ASP A 444 -10.16 -9.10 -1.20
N GLU A 445 -9.70 -10.34 -1.05
CA GLU A 445 -10.07 -11.15 0.12
C GLU A 445 -9.56 -10.52 1.40
N GLY A 446 -8.67 -9.54 1.28
CA GLY A 446 -8.13 -8.86 2.45
C GLY A 446 -9.10 -7.81 3.02
N TRP A 447 -10.18 -7.55 2.30
CA TRP A 447 -11.16 -6.57 2.77
C TRP A 447 -12.59 -6.95 2.39
N THR A 448 -13.36 -7.29 3.42
CA THR A 448 -14.75 -7.66 3.26
C THR A 448 -15.56 -6.74 4.17
N ASN A 449 -16.59 -6.09 3.65
CA ASN A 449 -17.39 -5.21 4.47
C ASN A 449 -18.17 -6.05 5.48
N ASP A 450 -18.25 -5.55 6.71
CA ASP A 450 -18.98 -6.24 7.77
C ASP A 450 -20.49 -6.10 7.56
#